data_8SJV
#
_entry.id   8SJV
#
_cell.length_a   225.409
_cell.length_b   225.409
_cell.length_c   88.324
_cell.angle_alpha   90.000
_cell.angle_beta   90.000
_cell.angle_gamma   120.000
#
_symmetry.space_group_name_H-M   'H 3'
#
loop_
_entity.id
_entity.type
_entity.pdbx_description
1 polymer "DNA (5'-D(P*GP*AP*CP*AP*TP*CP*AP*CP*AP*GP*TP*GP*GP*AP*CP*TP*AP*CP*AP*AP*G)-3')"
2 polymer "DNA (5'-D(P*TP*CP*CP*TP*TP*GP*TP*AP*GP*TP*GP*GP*AP*GP*TP*GP*T)-3')"
3 polymer "DNA (5'-D(P*GP*AP*AP*CP*AP*CP*TP*CP*CP*TP*GP*AP*GP*AP*CP*TP*AP*CP*AP*A)-3')"
4 polymer "DNA (5'-D(P*CP*TP*TP*GP*TP*AP*GP*TP*CP*TP*CP*AP*CP*CP*AP*CP*TP*GP*TP*GP*AP*TP*GP*T)-3')"
#
loop_
_entity_poly.entity_id
_entity_poly.type
_entity_poly.pdbx_seq_one_letter_code
_entity_poly.pdbx_strand_id
1 'polydeoxyribonucleotide'
;(DG)(DA)(DC)(DA)(DT)(DC)(DA)(DC)(DA)(DG)(DT)(DG)(DG)(DA)(DC)(DT)(DA)(DC)(DA)(DA)
(DG)
;
A
2 'polydeoxyribonucleotide' (DT)(DC)(DC)(DT)(DT)(DG)(DT)(DA)(DG)(DT)(DG)(DG)(DA)(DG)(DT)(DG)(DT) B
3 'polydeoxyribonucleotide' (DG)(DA)(DA)(DC)(DA)(DC)(DT)(DC)(DC)(DT)(DG)(DA)(DG)(DA)(DC)(DT)(DA)(DC)(DA)(DA) C
4 'polydeoxyribonucleotide'
;(DC)(DT)(DT)(DG)(DT)(DA)(DG)(DT)(DC)(DT)(DC)(DA)(DC)(DC)(DA)(DC)(DT)(DG)(DT)(DG)
(DA)(DT)(DG)(DT)
;
D
#